data_9E5I
#
_entry.id   9E5I
#
_cell.length_a   41.273
_cell.length_b   78.347
_cell.length_c   80.344
_cell.angle_alpha   90.00
_cell.angle_beta   90.10
_cell.angle_gamma   90.00
#
_symmetry.space_group_name_H-M   'P 1 21 1'
#
loop_
_entity.id
_entity.type
_entity.pdbx_description
1 polymer 'RNA (76-MER)'
2 non-polymer ethynyl-4-nitrobenzene-cobalamin
3 non-polymer N-methylpropane-1,3-diamine
4 non-polymer 2-AMINO-2-HYDROXYMETHYL-PROPANE-1,3-DIOL
5 non-polymer 'MAGNESIUM ION'
6 non-polymer 'POTASSIUM ION'
7 water water
#
_entity_poly.entity_id   1
_entity_poly.type   'polyribonucleotide'
_entity_poly.pdbx_seq_one_letter_code
;(GTP)GUAAAAGCAUAGUGGGAAAGUGACGUGAAAUUCGUCCACACGAAAGUAAGGUCAUAGUCCGAAUGCCACCUACCA
;
_entity_poly.pdbx_strand_id   A,B
#
loop_
_chem_comp.id
_chem_comp.type
_chem_comp.name
_chem_comp.formula
A RNA linking ADENOSINE-5'-MONOPHOSPHATE 'C10 H14 N5 O7 P'
A1BEN non-polymer ethynyl-4-nitrobenzene-cobalamin 'C70 H93 Co N14 O16 P 2'
C RNA linking CYTIDINE-5'-MONOPHOSPHATE 'C9 H14 N3 O8 P'
G RNA linking GUANOSINE-5'-MONOPHOSPHATE 'C10 H14 N5 O8 P'
GTP non-polymer GUANOSINE-5'-TRIPHOSPHATE 'C10 H16 N5 O14 P3'
K non-polymer 'POTASSIUM ION' 'K 1'
MG non-polymer 'MAGNESIUM ION' 'Mg 2'
N3D non-polymer N-methylpropane-1,3-diamine 'C4 H12 N2'
TRS non-polymer 2-AMINO-2-HYDROXYMETHYL-PROPANE-1,3-DIOL 'C4 H12 N O3 1'
U RNA linking URIDINE-5'-MONOPHOSPHATE 'C9 H13 N2 O9 P'
#
# COMPACT_ATOMS: atom_id res chain seq x y z
PG GTP A 1 -14.64 13.46 -20.21
O1G GTP A 1 -16.10 13.34 -20.44
O2G GTP A 1 -13.91 12.38 -19.50
O3G GTP A 1 -13.96 13.65 -21.65
O3B GTP A 1 -14.39 14.87 -19.45
PB GTP A 1 -13.46 15.04 -18.15
O1B GTP A 1 -14.26 14.70 -16.95
O2B GTP A 1 -12.81 16.38 -18.23
O3A GTP A 1 -12.31 13.95 -18.29
PA GTP A 1 -11.24 13.98 -19.49
O1A GTP A 1 -9.94 14.30 -18.87
O2A GTP A 1 -11.72 14.78 -20.63
O5' GTP A 1 -11.32 12.42 -19.88
C5' GTP A 1 -10.12 11.70 -20.03
C4' GTP A 1 -10.23 10.20 -20.20
O4' GTP A 1 -10.99 9.87 -21.37
C3' GTP A 1 -8.78 9.89 -20.56
O3' GTP A 1 -8.00 9.26 -19.54
C2' GTP A 1 -8.75 9.07 -21.81
O2' GTP A 1 -8.53 7.66 -21.57
C1' GTP A 1 -10.09 9.40 -22.37
N9 GTP A 1 -10.00 10.47 -23.37
C8 GTP A 1 -10.66 11.65 -23.32
N7 GTP A 1 -10.47 12.43 -24.33
C5 GTP A 1 -9.61 11.68 -25.14
C6 GTP A 1 -9.08 12.01 -26.43
O6 GTP A 1 -9.29 13.04 -26.99
N1 GTP A 1 -8.24 11.07 -26.93
C2 GTP A 1 -7.98 9.89 -26.25
N2 GTP A 1 -7.12 9.06 -26.82
N3 GTP A 1 -8.52 9.55 -25.07
C4 GTP A 1 -9.30 10.49 -24.57
PG GTP B 1 10.38 -11.24 18.12
O1G GTP B 1 9.15 -10.44 17.89
O2G GTP B 1 10.68 -12.41 17.27
O3G GTP B 1 11.66 -10.27 18.11
O3B GTP B 1 10.37 -11.76 19.64
PB GTP B 1 9.93 -13.25 19.99
O1B GTP B 1 8.68 -13.55 19.27
O2B GTP B 1 10.01 -13.44 21.46
O3A GTP B 1 11.11 -14.06 19.34
PA GTP B 1 12.54 -13.42 19.47
O1A GTP B 1 12.59 -12.64 20.73
O2A GTP B 1 12.99 -12.83 18.18
O5' GTP B 1 13.34 -14.77 19.66
C5' GTP B 1 14.02 -15.33 18.55
C4' GTP B 1 14.56 -16.59 19.17
O4' GTP B 1 14.95 -16.28 20.54
C3' GTP B 1 13.42 -17.54 19.38
O3' GTP B 1 12.94 -18.20 18.16
C2' GTP B 1 14.12 -18.42 20.36
O2' GTP B 1 15.18 -19.12 19.73
C1' GTP B 1 14.75 -17.46 21.32
N9 GTP B 1 13.92 -17.11 22.48
C8 GTP B 1 13.29 -15.93 22.75
N7 GTP B 1 12.66 -15.86 23.88
C5 GTP B 1 12.88 -17.14 24.36
C6 GTP B 1 12.45 -17.68 25.61
O6 GTP B 1 11.80 -17.09 26.39
N1 GTP B 1 12.81 -18.98 25.77
C2 GTP B 1 13.56 -19.70 24.88
N2 GTP B 1 13.83 -20.95 25.22
N3 GTP B 1 14.00 -19.22 23.73
C4 GTP B 1 13.64 -17.93 23.53
C4 A1BEN C . -7.93 17.18 1.38
C3 A1BEN C . -8.83 17.25 2.57
C2 A1BEN C . -7.86 16.66 3.65
C1 A1BEN C . -7.02 15.60 2.83
NB1 A1BEN C . -7.10 11.71 -0.62
CB2 A1BEN C . -6.23 12.72 -0.22
NB3 A1BEN C . -6.82 13.92 -0.22
C10 A1BEN C . -5.29 15.76 -2.96
C11 A1BEN C . -4.29 15.25 -2.16
C12 A1BEN C . -3.00 14.74 -2.74
C13 A1BEN C . -2.48 13.80 -1.59
C14 A1BEN C . -3.28 14.29 -0.38
C15 A1BEN C . -2.94 14.02 0.93
C16 A1BEN C . -3.81 14.44 2.00
C17 A1BEN C . -3.54 14.21 3.50
C18 A1BEN C . -4.97 14.45 4.03
C19 A1BEN C . -5.53 15.52 3.10
C1L A1BEN C . -4.89 17.34 0.26
C20 A1BEN C . -7.61 14.18 2.81
C25 A1BEN C . -8.57 16.00 4.85
C26 A1BEN C . -6.99 17.82 4.19
C27 A1BEN C . -7.71 19.05 4.71
C2L A1BEN C . -4.44 18.43 -0.09
C30 A1BEN C . -10.25 16.60 2.42
C31 A1BEN C . -11.41 17.15 3.28
C32 A1BEN C . -12.72 16.45 3.00
C35 A1BEN C . -8.95 19.23 0.47
C36 A1BEN C . -9.04 19.11 -2.71
C37 A1BEN C . -6.55 19.40 -2.43
C38 A1BEN C . -6.54 20.16 -3.72
C3L A1BEN C . -3.88 19.64 -0.68
C41 A1BEN C . -8.68 16.27 -3.78
C42 A1BEN C . -8.23 14.87 -4.19
C43 A1BEN C . -9.34 14.04 -4.71
C46 A1BEN C . -2.05 15.97 -2.89
C47 A1BEN C . -3.14 14.16 -4.14
C48 A1BEN C . -2.71 12.29 -1.74
C49 A1BEN C . -1.78 11.51 -2.69
C4L A1BEN C . -3.14 19.56 -1.89
C5 A1BEN C . -8.22 17.93 0.18
C50 A1BEN C . -0.38 11.89 -2.44
C53 A1BEN C . -1.62 13.25 1.21
C54 A1BEN C . -2.62 15.35 4.08
C55 A1BEN C . -3.03 12.82 3.94
C56 A1BEN C . -3.77 11.61 3.35
C57 A1BEN C . -3.04 10.31 3.60
C5L A1BEN C . -2.60 20.68 -2.47
C6 A1BEN C . -7.59 17.65 -1.02
C60 A1BEN C . -5.04 14.74 5.55
C61 A1BEN C . -5.99 13.84 6.34
C6L A1BEN C . -2.82 21.90 -1.90
C7 A1BEN C . -7.72 18.38 -2.39
C7L A1BEN C . -3.52 22.06 -0.71
C8 A1BEN C . -7.46 17.20 -3.37
C8L A1BEN C . -4.06 20.92 -0.13
C9 A1BEN C . -6.44 16.40 -2.51
CB4 A1BEN C . -9.24 14.50 -0.80
CB5 A1BEN C . -10.45 14.01 -1.28
CB6 A1BEN C . -10.60 12.64 -1.48
CB7 A1BEN C . -9.53 11.75 -1.31
CB8 A1BEN C . -8.31 12.30 -0.87
CB9 A1BEN C . -8.15 13.66 -0.66
CR1 A1BEN C . -6.79 10.31 -0.65
CR2 A1BEN C . -6.99 9.70 0.75
CR3 A1BEN C . -5.97 8.60 0.74
CR4 A1BEN C . -4.81 9.22 -0.03
CR5 A1BEN C . -3.96 8.24 -0.73
N21 A1BEN C . -7.17 16.16 1.42
N22 A1BEN C . -6.73 16.55 -1.18
N23 A1BEN C . -4.41 14.99 -0.82
N24 A1BEN C . -4.90 15.14 1.83
N29 A1BEN C . -7.27 20.22 4.22
N34 A1BEN C . -13.29 15.81 4.02
N40 A1BEN C . -7.03 21.38 -3.71
N45 A1BEN C . -10.42 14.70 -5.04
N52 A1BEN C . 0.17 12.60 -3.43
N59 A1BEN C . -3.48 9.52 4.56
N63 A1BEN C . -6.25 14.31 7.56
N9L A1BEN C . -2.22 23.07 -2.53
O28 A1BEN C . -8.60 18.95 5.56
O33 A1BEN C . -13.19 16.49 1.90
O39 A1BEN C . -6.09 19.61 -4.73
O44 A1BEN C . -9.22 12.81 -4.80
O51 A1BEN C . 0.15 11.50 -1.40
O58 A1BEN C . -2.07 10.00 2.87
O62 A1BEN C . -6.46 12.77 5.93
OP2 A1BEN C . -5.47 8.28 2.08
OP3 A1BEN C . -4.84 7.06 4.08
OP4 A1BEN C . -5.37 5.77 1.99
OP5 A1BEN C . -7.20 6.78 3.32
OR6 A1BEN C . -5.44 10.08 -1.01
OR7 A1BEN C . -6.72 10.66 1.76
OR8 A1BEN C . -2.85 8.80 -1.43
P1 A1BEN C . -5.81 6.89 2.80
CB10 A1BEN C . -11.62 14.92 -1.44
CB11 A1BEN C . -11.94 12.09 -1.96
CPR1 A1BEN C . -2.87 8.24 4.83
CPR2 A1BEN C . -3.40 7.18 3.86
CPR3 A1BEN C . -2.70 5.91 4.22
CO1 A1BEN C . -5.79 15.69 0.26
O10L A1BEN C . -2.74 24.16 -2.24
O11L A1BEN C . -1.27 22.94 -3.29
N1 N3D D . 4.35 14.97 24.10
C2 N3D D . 3.03 14.51 23.51
C3 N3D D . 3.31 13.40 22.47
C4 N3D D . 2.04 12.95 21.61
N5 N3D D . 2.20 11.64 20.93
C6 N3D D . 0.98 11.14 20.14
C TRS E . -11.63 10.52 1.99
C1 TRS E . -12.91 10.81 1.20
C2 TRS E . -11.12 9.13 1.57
C3 TRS E . -10.63 11.62 2.14
N TRS E . -12.01 10.40 3.22
O1 TRS E . -13.50 11.98 1.71
O2 TRS E . -12.07 8.09 1.88
O3 TRS E . -9.51 11.17 2.87
MG MG F . -9.35 16.53 -18.97
MG MG G . -0.53 15.40 -18.75
MG MG H . -2.92 21.73 -15.33
MG MG I . 0.11 17.88 21.01
MG MG J . 7.97 21.13 24.51
MG MG K . 10.65 12.34 8.66
MG MG L . 5.42 13.84 8.71
MG MG M . 1.95 9.69 12.02
MG MG N . 7.11 15.90 -20.67
K K O . 1.94 14.53 -3.11
C4 A1BEN P . 4.27 -9.61 0.00
C3 A1BEN P . 4.45 -8.58 -1.11
C2 A1BEN P . 4.26 -9.49 -2.35
C1 A1BEN P . 4.76 -10.91 -1.90
NB1 A1BEN P . 8.36 -13.68 0.54
CB2 A1BEN P . 7.00 -13.78 0.25
NB3 A1BEN P . 6.34 -12.67 0.60
C10 A1BEN P . 4.46 -13.58 3.44
C11 A1BEN P . 4.19 -14.51 2.44
C12 A1BEN P . 3.96 -15.98 2.75
C13 A1BEN P . 4.28 -16.66 1.38
C14 A1BEN P . 4.10 -15.47 0.41
C15 A1BEN P . 4.06 -15.53 -0.96
C16 A1BEN P . 4.02 -14.36 -1.80
C17 A1BEN P . 3.84 -14.34 -3.32
C18 A1BEN P . 4.48 -12.94 -3.59
C19 A1BEN P . 3.95 -12.13 -2.43
C1L A1BEN P . 2.42 -12.34 0.61
C20 A1BEN P . 6.26 -11.20 -2.13
C25 A1BEN P . 5.05 -9.04 -3.62
C26 A1BEN P . 2.73 -9.52 -2.75
C27 A1BEN P . 2.14 -8.11 -2.85
C2L A1BEN P . 1.31 -12.24 1.12
C30 A1BEN P . 5.78 -7.80 -0.89
C31 A1BEN P . 5.87 -6.41 -1.51
C32 A1BEN P . 7.16 -5.72 -1.16
C35 A1BEN P . 3.07 -7.97 1.55
C36 A1BEN P . 3.79 -8.67 4.51
C37 A1BEN P . 2.04 -10.43 3.97
C38 A1BEN P . 1.54 -10.42 5.39
C3L A1BEN P . 0.12 -12.24 1.90
C41 A1BEN P . 5.96 -10.88 4.77
C42 A1BEN P . 6.86 -12.07 5.06
C43 A1BEN P . 8.27 -11.64 5.34
C46 A1BEN P . 2.46 -16.22 3.14
C47 A1BEN P . 4.67 -16.49 4.05
C48 A1BEN P . 5.67 -17.29 1.17
C49 A1BEN P . 5.95 -18.69 1.74
C4L A1BEN P . 0.01 -13.25 2.88
C5 A1BEN P . 3.76 -9.30 1.34
C50 A1BEN P . 4.82 -19.62 1.38
C53 A1BEN P . 3.78 -16.89 -1.56
C54 A1BEN P . 2.30 -14.39 -3.68
C55 A1BEN P . 4.61 -15.39 -4.15
C56 A1BEN P . 6.08 -15.48 -3.78
C57 A1BEN P . 6.75 -16.70 -4.37
C5L A1BEN P . -1.09 -13.37 3.69
C6 A1BEN P . 3.83 -10.25 2.34
C60 A1BEN P . 4.00 -12.40 -5.00
C61 A1BEN P . 5.10 -11.84 -5.87
C6L A1BEN P . -2.06 -12.41 3.54
C7 A1BEN P . 3.57 -10.05 3.85
C7L A1BEN P . -1.99 -11.36 2.63
C8 A1BEN P . 4.46 -11.20 4.44
C8L A1BEN P . -0.87 -11.25 1.80
C9 A1BEN P . 4.30 -12.21 3.29
CB4 A1BEN P . 7.29 -10.51 1.59
CB5 A1BEN P . 8.46 -9.86 2.05
CB6 A1BEN P . 9.71 -10.50 1.99
CB7 A1BEN P . 9.78 -11.81 1.50
CB8 A1BEN P . 8.59 -12.43 1.05
CB9 A1BEN P . 7.36 -11.81 1.12
CR1 A1BEN P . 9.40 -14.66 0.22
CR2 A1BEN P . 9.84 -14.49 -1.25
CR3 A1BEN P . 10.13 -15.90 -1.70
CR4 A1BEN P . 9.12 -16.73 -0.93
CR5 A1BEN P . 9.67 -18.08 -0.71
N21 A1BEN P . 4.50 -10.84 -0.41
N22 A1BEN P . 4.30 -11.54 2.13
N23 A1BEN P . 4.20 -14.26 1.08
N24 A1BEN P . 4.11 -13.13 -1.35
N29 A1BEN P . 2.73 -7.23 -3.61
N34 A1BEN P . 7.80 -5.11 -2.17
N40 A1BEN P . 0.80 -9.39 5.74
N45 A1BEN P . 8.39 -10.44 5.84
N52 A1BEN P . 3.98 -19.82 2.36
N59 A1BEN P . 7.53 -16.49 -5.41
N63 A1BEN P . 4.72 -11.05 -6.86
N9L A1BEN P . -3.23 -12.50 4.38
O28 A1BEN P . 1.14 -7.81 -2.18
O33 A1BEN P . 7.55 -5.70 -0.01
O39 A1BEN P . 1.81 -11.38 6.13
O44 A1BEN P . 9.24 -12.37 5.13
O51 A1BEN P . 4.73 -20.16 0.27
O58 A1BEN P . 6.59 -17.84 -3.88
O62 A1BEN P . 6.27 -12.12 -5.64
OP2 A1BEN P . 9.92 -16.10 -3.14
OP3 A1BEN P . 10.42 -16.81 -5.39
OP4 A1BEN P . 12.10 -17.44 -3.57
OP5 A1BEN P . 11.82 -15.08 -4.50
OR6 A1BEN P . 8.92 -15.98 0.29
OR7 A1BEN P . 8.75 -13.98 -1.97
OR8 A1BEN P . 8.66 -18.98 -0.29
P1 A1BEN P . 11.19 -16.36 -4.07
CB10 A1BEN P . 8.34 -8.46 2.55
CB11 A1BEN P . 10.94 -9.76 2.53
CPR1 A1BEN P . 8.23 -17.58 -6.03
CPR2 A1BEN P . 9.56 -17.99 -5.38
CPR3 A1BEN P . 10.32 -19.04 -6.15
CO1 A1BEN P . 4.28 -12.47 0.42
O10L A1BEN P . -3.57 -11.42 4.85
O11L A1BEN P . -3.61 -13.58 4.83
N1 N3D Q . -3.92 -15.35 -23.83
C2 N3D Q . -2.71 -14.71 -23.21
C3 N3D Q . -1.88 -15.80 -22.52
C4 N3D Q . -0.51 -15.16 -22.10
N5 N3D Q . 0.44 -16.14 -21.54
C6 N3D Q . 1.61 -15.51 -20.81
C TRS R . 11.47 -9.42 -1.78
C1 TRS R . 12.30 -8.44 -0.96
C2 TRS R . 11.88 -10.84 -1.40
C3 TRS R . 10.02 -9.10 -1.77
N TRS R . 11.78 -9.28 -3.04
O1 TRS R . 11.51 -7.31 -0.71
O2 TRS R . 13.29 -11.07 -1.52
O3 TRS R . 9.29 -10.19 -2.26
MG MG S . 10.20 -9.19 17.00
MG MG T . 4.09 -21.55 17.76
MG MG U . -14.98 -27.19 -18.23
MG MG V . 0.03 -28.35 18.42
MG MG W . -0.40 -15.60 16.33
MG MG X . -3.76 -11.26 -19.64
MG MG Y . -11.17 -15.31 -23.13
MG MG Z . -2.82 -25.97 -10.72
MG MG AA . -1.31 -20.81 -9.57
MG MG BA . 3.66 -19.20 -13.46
K K CA . 1.38 -20.28 2.21
#